data_3K5K
#
_entry.id   3K5K
#
_cell.length_a   56.674
_cell.length_b   78.074
_cell.length_c   72.507
_cell.angle_alpha   90.00
_cell.angle_beta   91.81
_cell.angle_gamma   90.00
#
_symmetry.space_group_name_H-M   'P 1 21 1'
#
loop_
_entity.id
_entity.type
_entity.pdbx_description
1 polymer 'Histone-lysine N-methyltransferase, H3 lysine-9 specific 3'
2 non-polymer 'ZINC ION'
3 non-polymer S-ADENOSYL-L-HOMOCYSTEINE
4 non-polymer 7-[3-(dimethylamino)propoxy]-6-methoxy-2-(4-methyl-1,4-diazepan-1-yl)-N-(1-methylpiperidin-4-yl)quinazolin-4-amine
5 non-polymer 'CHLORIDE ION'
6 non-polymer 'UNKNOWN ATOM OR ION'
7 water water
#
_entity_poly.entity_id   1
_entity_poly.type   'polypeptide(L)'
_entity_poly.pdbx_seq_one_letter_code
;GSNRAIRTEKIICRDVARGYENVPIPCVNGVDGEPCPEDYKYISENCETSTMNIDRNITHLQHCTCVDDCSSSNCLCGQL
SIRCWYDKDGRLLQEFNKIEPPLIFECNQACSCWRNCKNRVVQSGIKVRLQLYRTAKMGWGVRALQTIPQGTFICEYVGE
LISDAEADVREDDSYLFDLDNKDGEVYCIDARYYGNISRFINHLCDPNIIPVRVFMLHQDLRFPRIAFFSSRDIRTGEEL
GFDYGDRFWDIKSKYFTCQCGSEKCKHSAEAIALEQSRLARLD
;
_entity_poly.pdbx_strand_id   A,B
#
loop_
_chem_comp.id
_chem_comp.type
_chem_comp.name
_chem_comp.formula
CL non-polymer 'CHLORIDE ION' 'Cl -1'
DXQ non-polymer 7-[3-(dimethylamino)propoxy]-6-methoxy-2-(4-methyl-1,4-diazepan-1-yl)-N-(1-methylpiperidin-4-yl)quinazolin-4-amine 'C26 H43 N7 O2'
SAH non-polymer S-ADENOSYL-L-HOMOCYSTEINE 'C14 H20 N6 O5 S'
UNX non-polymer 'UNKNOWN ATOM OR ION' ?
ZN non-polymer 'ZINC ION' 'Zn 2'
#
# COMPACT_ATOMS: atom_id res chain seq x y z
N ARG A 7 -41.06 12.21 -0.69
CA ARG A 7 -39.89 11.31 -0.95
C ARG A 7 -38.76 11.60 0.03
N THR A 8 -38.34 10.56 0.75
CA THR A 8 -37.31 10.68 1.79
C THR A 8 -35.89 10.54 1.23
N GLU A 9 -34.90 11.07 1.95
CA GLU A 9 -33.50 10.73 1.66
C GLU A 9 -33.21 9.40 2.34
N LYS A 10 -32.79 8.42 1.55
CA LYS A 10 -32.48 7.08 2.07
C LYS A 10 -30.97 6.84 2.04
N ILE A 11 -30.44 6.17 3.06
CA ILE A 11 -29.05 5.77 3.02
C ILE A 11 -29.01 4.40 2.33
N ILE A 12 -28.43 4.34 1.14
CA ILE A 12 -28.47 3.10 0.34
C ILE A 12 -27.22 2.24 0.47
N CYS A 13 -26.11 2.86 0.83
CA CYS A 13 -24.89 2.10 1.08
C CYS A 13 -24.18 2.79 2.20
N ARG A 14 -23.81 2.03 3.23
CA ARG A 14 -23.04 2.61 4.34
C ARG A 14 -21.63 3.02 3.96
N ASP A 15 -21.05 2.33 2.97
CA ASP A 15 -19.68 2.63 2.58
C ASP A 15 -19.46 2.03 1.20
N VAL A 16 -19.44 2.89 0.20
CA VAL A 16 -19.16 2.45 -1.18
C VAL A 16 -17.74 1.92 -1.32
N ALA A 17 -16.83 2.28 -0.40
CA ALA A 17 -15.42 1.84 -0.49
C ALA A 17 -15.19 0.48 0.19
N ARG A 18 -16.23 -0.06 0.80
CA ARG A 18 -16.16 -1.37 1.47
C ARG A 18 -14.97 -1.44 2.46
N GLY A 19 -14.73 -0.34 3.19
CA GLY A 19 -13.70 -0.31 4.23
C GLY A 19 -12.28 -0.04 3.75
N TYR A 20 -12.11 0.25 2.45
CA TYR A 20 -10.76 0.46 1.90
C TYR A 20 -10.20 1.88 2.12
N GLU A 21 -11.05 2.84 2.45
CA GLU A 21 -10.55 4.19 2.77
C GLU A 21 -10.42 4.39 4.29
N ASN A 22 -9.82 5.50 4.70
CA ASN A 22 -9.62 5.79 6.13
C ASN A 22 -10.95 6.01 6.81
N VAL A 23 -11.92 6.51 6.02
CA VAL A 23 -13.28 6.83 6.48
C VAL A 23 -14.33 6.14 5.59
N PRO A 24 -15.55 5.89 6.12
CA PRO A 24 -16.57 5.39 5.21
C PRO A 24 -17.05 6.48 4.28
N ILE A 25 -17.54 6.08 3.10
CA ILE A 25 -18.10 7.03 2.16
C ILE A 25 -19.51 6.53 1.84
N PRO A 26 -20.51 6.98 2.61
CA PRO A 26 -21.88 6.54 2.40
C PRO A 26 -22.50 7.05 1.12
N CYS A 27 -23.53 6.35 0.67
CA CYS A 27 -24.30 6.76 -0.48
C CYS A 27 -25.78 6.97 -0.10
N VAL A 28 -26.32 8.14 -0.45
CA VAL A 28 -27.74 8.44 -0.21
C VAL A 28 -28.47 8.89 -1.47
N ASN A 29 -29.79 8.74 -1.47
CA ASN A 29 -30.62 9.24 -2.54
C ASN A 29 -31.91 9.82 -1.96
N GLY A 30 -32.11 11.12 -2.16
CA GLY A 30 -33.34 11.78 -1.80
C GLY A 30 -34.11 12.31 -3.00
N VAL A 31 -33.72 11.85 -4.19
CA VAL A 31 -34.22 12.45 -5.44
C VAL A 31 -35.13 11.51 -6.23
N ASP A 32 -34.67 10.28 -6.42
CA ASP A 32 -35.37 9.31 -7.26
C ASP A 32 -35.18 7.90 -6.71
N GLY A 33 -35.51 6.89 -7.51
CA GLY A 33 -35.47 5.49 -7.09
C GLY A 33 -34.23 4.68 -7.43
N GLU A 34 -33.22 5.34 -7.99
CA GLU A 34 -31.92 4.69 -8.33
C GLU A 34 -31.24 4.08 -7.11
N PRO A 35 -30.89 2.77 -7.15
CA PRO A 35 -30.08 2.22 -6.08
C PRO A 35 -28.63 2.65 -6.25
N CYS A 36 -27.80 2.31 -5.28
CA CYS A 36 -26.39 2.63 -5.29
C CYS A 36 -25.76 2.04 -6.55
N PRO A 37 -24.98 2.86 -7.30
CA PRO A 37 -24.34 2.41 -8.54
C PRO A 37 -23.48 1.17 -8.29
N GLU A 38 -23.64 0.16 -9.16
CA GLU A 38 -22.85 -1.05 -9.03
C GLU A 38 -22.24 -1.52 -10.35
N ASP A 39 -22.21 -0.63 -11.34
N ASP A 39 -22.26 -0.64 -11.35
CA ASP A 39 -21.72 -0.96 -12.69
CA ASP A 39 -21.71 -0.95 -12.66
C ASP A 39 -20.22 -0.77 -12.85
C ASP A 39 -20.26 -0.49 -12.77
N TYR A 40 -19.48 -0.80 -11.73
CA TYR A 40 -18.03 -0.58 -11.70
C TYR A 40 -17.48 -1.33 -10.49
N LYS A 41 -16.15 -1.39 -10.40
CA LYS A 41 -15.50 -2.00 -9.26
C LYS A 41 -14.78 -0.93 -8.43
N TYR A 42 -15.16 -0.74 -7.17
CA TYR A 42 -14.47 0.25 -6.34
C TYR A 42 -13.06 -0.21 -5.97
N ILE A 43 -12.08 0.63 -6.28
CA ILE A 43 -10.70 0.35 -5.89
C ILE A 43 -10.15 1.63 -5.26
N SER A 44 -9.38 1.46 -4.18
CA SER A 44 -8.78 2.62 -3.47
C SER A 44 -7.44 3.09 -4.06
N GLU A 45 -6.83 2.30 -4.94
CA GLU A 45 -5.55 2.64 -5.57
C GLU A 45 -5.57 2.24 -7.03
N ASN A 46 -4.79 2.93 -7.84
CA ASN A 46 -4.73 2.62 -9.29
C ASN A 46 -4.46 1.14 -9.55
N CYS A 47 -5.11 0.62 -10.58
CA CYS A 47 -4.90 -0.76 -10.99
C CYS A 47 -4.36 -0.80 -12.43
N GLU A 48 -3.80 -1.93 -12.79
CA GLU A 48 -3.27 -2.19 -14.14
C GLU A 48 -3.98 -3.40 -14.69
N THR A 49 -4.27 -3.34 -15.99
CA THR A 49 -4.91 -4.44 -16.72
C THR A 49 -4.05 -4.88 -17.91
N SER A 50 -2.85 -4.30 -18.00
CA SER A 50 -1.84 -4.66 -19.00
C SER A 50 -0.48 -4.31 -18.40
N THR A 51 0.62 -4.78 -18.99
CA THR A 51 1.97 -4.51 -18.47
C THR A 51 2.36 -3.06 -18.75
N MET A 52 2.55 -2.29 -17.68
CA MET A 52 2.87 -0.86 -17.80
C MET A 52 4.36 -0.56 -17.60
N ASN A 53 5.09 -1.52 -17.02
CA ASN A 53 6.52 -1.37 -16.73
C ASN A 53 6.84 -0.06 -15.99
N ILE A 54 6.07 0.23 -14.95
CA ILE A 54 6.36 1.37 -14.12
C ILE A 54 7.74 1.13 -13.48
N ASP A 55 8.57 2.16 -13.49
CA ASP A 55 9.88 2.08 -12.86
C ASP A 55 9.71 2.14 -11.34
N ARG A 56 9.85 0.97 -10.70
CA ARG A 56 9.72 0.84 -9.26
C ARG A 56 11.05 0.55 -8.58
N ASN A 57 12.15 0.69 -9.32
CA ASN A 57 13.49 0.50 -8.78
C ASN A 57 13.80 1.50 -7.67
N ILE A 58 13.94 1.00 -6.45
CA ILE A 58 14.14 1.84 -5.26
C ILE A 58 15.38 2.72 -5.36
N THR A 59 16.40 2.25 -6.08
CA THR A 59 17.66 2.99 -6.28
C THR A 59 17.45 4.17 -7.25
N HIS A 60 16.33 4.17 -7.98
CA HIS A 60 16.04 5.29 -8.90
C HIS A 60 15.31 6.41 -8.22
N LEU A 61 14.92 6.20 -6.95
CA LEU A 61 14.22 7.24 -6.23
C LEU A 61 15.15 8.35 -5.80
N GLN A 62 14.74 9.58 -6.09
CA GLN A 62 15.34 10.73 -5.43
C GLN A 62 14.70 10.81 -4.06
N HIS A 63 15.49 11.13 -3.05
CA HIS A 63 15.01 11.07 -1.67
C HIS A 63 15.86 11.97 -0.80
N CYS A 64 15.32 12.32 0.36
CA CYS A 64 16.01 13.24 1.26
C CYS A 64 16.86 12.56 2.34
N THR A 65 17.81 13.34 2.83
CA THR A 65 18.70 12.94 3.89
C THR A 65 18.25 13.56 5.23
N CYS A 66 17.01 14.05 5.28
CA CYS A 66 16.51 14.78 6.46
C CYS A 66 16.48 13.98 7.72
N VAL A 67 17.09 14.57 8.76
CA VAL A 67 17.10 13.99 10.09
C VAL A 67 16.14 14.74 11.01
N ASP A 68 15.15 15.41 10.41
CA ASP A 68 14.08 16.10 11.15
C ASP A 68 12.72 15.70 10.57
N ASP A 69 11.75 16.61 10.61
CA ASP A 69 10.38 16.33 10.09
C ASP A 69 10.15 16.82 8.65
N CYS A 70 11.23 17.17 7.96
CA CYS A 70 11.22 17.63 6.57
C CYS A 70 10.58 19.01 6.34
N SER A 71 10.78 19.91 7.31
CA SER A 71 10.24 21.26 7.18
C SER A 71 11.28 22.33 6.87
N SER A 72 12.52 21.93 6.64
CA SER A 72 13.58 22.85 6.28
C SER A 72 13.77 22.90 4.77
N SER A 73 14.42 23.96 4.28
CA SER A 73 14.67 24.14 2.86
C SER A 73 15.79 23.22 2.35
N ASN A 74 16.31 22.38 3.24
CA ASN A 74 17.32 21.39 2.88
C ASN A 74 16.74 20.06 2.39
N CYS A 75 15.42 19.93 2.49
CA CYS A 75 14.76 18.69 2.06
C CYS A 75 14.80 18.57 0.55
N LEU A 76 15.53 17.56 0.05
CA LEU A 76 15.62 17.37 -1.39
C LEU A 76 14.21 17.21 -1.99
N CYS A 77 13.36 16.42 -1.32
CA CYS A 77 12.01 16.16 -1.83
C CYS A 77 11.23 17.46 -2.05
N GLY A 78 11.31 18.36 -1.07
CA GLY A 78 10.76 19.71 -1.20
C GLY A 78 11.36 20.49 -2.36
N GLN A 79 12.68 20.39 -2.53
CA GLN A 79 13.36 21.13 -3.59
C GLN A 79 12.94 20.68 -4.97
N LEU A 80 12.62 19.40 -5.12
CA LEU A 80 12.12 18.86 -6.38
C LEU A 80 10.79 19.52 -6.77
N SER A 81 10.12 20.07 -5.76
CA SER A 81 8.83 20.73 -5.91
C SER A 81 9.00 22.26 -5.83
N ILE A 82 10.22 22.74 -6.10
CA ILE A 82 10.69 24.11 -5.74
C ILE A 82 10.78 24.29 -4.21
N ARG A 83 9.67 24.04 -3.53
CA ARG A 83 9.61 23.99 -2.08
C ARG A 83 8.52 22.98 -1.72
N CYS A 84 8.49 22.53 -0.47
CA CYS A 84 7.34 21.77 0.01
C CYS A 84 6.20 22.78 0.15
N TRP A 85 5.04 22.40 -0.38
CA TRP A 85 3.91 23.31 -0.46
C TRP A 85 2.91 23.06 0.65
N TYR A 86 3.17 22.05 1.47
CA TYR A 86 2.30 21.75 2.59
C TYR A 86 2.67 22.58 3.81
N ASP A 87 1.65 23.19 4.44
CA ASP A 87 1.82 23.83 5.75
C ASP A 87 1.82 22.80 6.90
N LYS A 88 1.86 23.26 8.15
CA LYS A 88 1.97 22.37 9.33
C LYS A 88 0.79 21.41 9.50
N ASP A 89 -0.34 21.75 8.88
CA ASP A 89 -1.55 20.94 8.98
C ASP A 89 -1.88 20.16 7.70
N GLY A 90 -0.90 20.11 6.79
CA GLY A 90 -1.02 19.34 5.54
C GLY A 90 -1.76 20.02 4.39
N ARG A 91 -1.99 21.33 4.52
CA ARG A 91 -2.72 22.10 3.51
C ARG A 91 -1.78 22.87 2.60
N LEU A 92 -2.14 23.01 1.32
CA LEU A 92 -1.34 23.78 0.39
C LEU A 92 -1.22 25.22 0.87
N LEU A 93 -0.05 25.82 0.63
CA LEU A 93 0.17 27.23 0.95
C LEU A 93 -0.71 28.13 0.10
N GLN A 94 -1.11 29.28 0.66
CA GLN A 94 -1.96 30.23 -0.06
C GLN A 94 -1.33 30.69 -1.39
N GLU A 95 -0.01 30.71 -1.44
CA GLU A 95 0.75 31.08 -2.65
C GLU A 95 0.86 29.96 -3.70
N PHE A 96 0.34 28.78 -3.40
CA PHE A 96 0.38 27.66 -4.35
C PHE A 96 -0.22 28.07 -5.69
N ASN A 97 0.46 27.70 -6.77
CA ASN A 97 -0.03 27.99 -8.12
C ASN A 97 -1.21 27.11 -8.51
N LYS A 98 -2.42 27.64 -8.29
CA LYS A 98 -3.67 26.92 -8.56
C LYS A 98 -4.06 26.85 -10.05
N ILE A 99 -3.30 27.54 -10.90
CA ILE A 99 -3.54 27.57 -12.35
C ILE A 99 -2.62 26.57 -13.07
N GLU A 100 -1.32 26.65 -12.78
CA GLU A 100 -0.31 25.73 -13.32
C GLU A 100 0.44 25.07 -12.15
N PRO A 101 -0.19 24.07 -11.49
CA PRO A 101 0.42 23.48 -10.30
C PRO A 101 1.76 22.79 -10.61
N PRO A 102 2.75 22.92 -9.70
CA PRO A 102 4.00 22.20 -9.89
C PRO A 102 3.77 20.72 -9.56
N LEU A 103 4.73 19.87 -9.94
CA LEU A 103 4.71 18.47 -9.55
C LEU A 103 5.12 18.39 -8.09
N ILE A 104 4.38 17.60 -7.31
CA ILE A 104 4.72 17.39 -5.92
C ILE A 104 5.45 16.06 -5.77
N PHE A 105 6.65 16.11 -5.19
CA PHE A 105 7.37 14.90 -4.81
C PHE A 105 7.27 14.75 -3.30
N GLU A 106 6.43 13.80 -2.88
CA GLU A 106 6.31 13.47 -1.46
C GLU A 106 7.50 12.57 -1.05
N CYS A 107 7.72 12.46 0.26
CA CYS A 107 8.77 11.57 0.78
C CYS A 107 8.35 10.13 0.56
N ASN A 108 9.34 9.26 0.57
CA ASN A 108 9.13 7.91 0.13
C ASN A 108 9.98 6.96 0.99
N GLN A 109 9.94 5.68 0.63
CA GLN A 109 10.62 4.64 1.40
C GLN A 109 12.15 4.73 1.41
N ALA A 110 12.72 5.53 0.48
CA ALA A 110 14.16 5.70 0.41
C ALA A 110 14.64 6.88 1.27
N CYS A 111 13.71 7.79 1.62
CA CYS A 111 14.01 8.92 2.52
C CYS A 111 14.46 8.46 3.92
N SER A 112 15.34 9.24 4.54
CA SER A 112 15.80 8.93 5.90
C SER A 112 14.77 9.30 6.95
N CYS A 113 13.82 10.13 6.56
CA CYS A 113 12.81 10.67 7.47
C CYS A 113 11.80 9.61 7.92
N TRP A 114 10.97 9.97 8.88
CA TRP A 114 9.95 9.05 9.39
C TRP A 114 8.68 9.14 8.57
N ARG A 115 7.84 8.11 8.67
CA ARG A 115 6.58 8.02 7.93
C ARG A 115 5.59 9.16 8.25
N ASN A 116 5.83 9.86 9.36
CA ASN A 116 4.98 10.97 9.80
C ASN A 116 5.57 12.36 9.53
N CYS A 117 6.47 12.46 8.56
CA CYS A 117 7.11 13.74 8.24
C CYS A 117 6.09 14.66 7.56
N LYS A 118 6.47 15.92 7.32
CA LYS A 118 5.50 16.91 6.86
C LYS A 118 5.19 16.83 5.36
N ASN A 119 5.85 15.89 4.68
CA ASN A 119 5.77 15.78 3.22
C ASN A 119 5.16 14.43 2.81
N ARG A 120 4.04 14.09 3.44
CA ARG A 120 3.36 12.81 3.20
C ARG A 120 1.81 12.89 3.14
N VAL A 121 1.29 14.00 2.68
CA VAL A 121 -0.16 14.24 2.75
C VAL A 121 -1.00 13.27 1.88
N VAL A 122 -0.68 13.19 0.60
CA VAL A 122 -1.49 12.40 -0.33
C VAL A 122 -1.41 10.91 0.02
N GLN A 123 -0.21 10.46 0.35
CA GLN A 123 0.00 9.06 0.66
C GLN A 123 -0.70 8.62 1.95
N SER A 124 -1.11 9.60 2.77
CA SER A 124 -1.83 9.30 4.01
C SER A 124 -3.33 9.07 3.81
N GLY A 125 -3.82 9.38 2.61
CA GLY A 125 -5.20 9.07 2.23
C GLY A 125 -6.28 10.05 2.65
N ILE A 126 -7.52 9.64 2.47
CA ILE A 126 -8.67 10.53 2.70
C ILE A 126 -8.87 10.83 4.19
N LYS A 127 -9.01 12.12 4.52
CA LYS A 127 -9.32 12.55 5.89
C LYS A 127 -10.67 13.27 5.98
N VAL A 128 -11.06 13.96 4.93
CA VAL A 128 -12.31 14.70 4.92
C VAL A 128 -13.49 13.75 4.77
N ARG A 129 -14.63 14.18 5.31
CA ARG A 129 -15.87 13.42 5.25
C ARG A 129 -16.70 13.78 4.02
N LEU A 130 -16.85 12.79 3.14
CA LEU A 130 -17.54 12.92 1.87
C LEU A 130 -18.78 12.03 1.78
N GLN A 131 -19.67 12.39 0.87
CA GLN A 131 -20.86 11.59 0.63
C GLN A 131 -21.17 11.51 -0.86
N LEU A 132 -21.44 10.30 -1.32
CA LEU A 132 -21.99 10.07 -2.66
C LEU A 132 -23.50 10.31 -2.55
N TYR A 133 -24.03 11.18 -3.40
CA TYR A 133 -25.47 11.48 -3.35
C TYR A 133 -26.09 11.69 -4.72
N ARG A 134 -27.41 11.56 -4.77
CA ARG A 134 -28.12 11.73 -6.03
C ARG A 134 -28.37 13.22 -6.25
N THR A 135 -27.82 13.77 -7.31
CA THR A 135 -28.07 15.20 -7.59
C THR A 135 -29.45 15.37 -8.26
N ALA A 136 -29.91 16.61 -8.36
CA ALA A 136 -31.14 16.94 -9.10
C ALA A 136 -31.05 16.63 -10.60
N LYS A 137 -29.96 17.07 -11.23
CA LYS A 137 -29.85 17.08 -12.70
C LYS A 137 -28.56 16.46 -13.29
N MET A 138 -27.68 15.92 -12.45
CA MET A 138 -26.36 15.49 -12.91
C MET A 138 -26.00 14.06 -12.46
N GLY A 139 -27.03 13.23 -12.25
CA GLY A 139 -26.85 11.86 -11.74
C GLY A 139 -26.26 11.86 -10.33
N TRP A 140 -25.35 10.93 -10.09
CA TRP A 140 -24.62 10.87 -8.83
C TRP A 140 -23.55 11.96 -8.76
N GLY A 141 -23.34 12.50 -7.56
CA GLY A 141 -22.30 13.50 -7.32
C GLY A 141 -21.67 13.25 -5.94
N VAL A 142 -20.70 14.06 -5.57
CA VAL A 142 -19.98 13.92 -4.30
C VAL A 142 -20.03 15.27 -3.58
N ARG A 143 -20.49 15.24 -2.33
CA ARG A 143 -20.56 16.49 -1.56
C ARG A 143 -19.81 16.35 -0.22
N ALA A 144 -19.44 17.49 0.33
CA ALA A 144 -18.80 17.60 1.65
C ALA A 144 -19.81 17.45 2.79
N LEU A 145 -19.45 16.65 3.81
CA LEU A 145 -20.25 16.55 5.03
C LEU A 145 -19.72 17.48 6.12
N GLN A 146 -18.84 18.39 5.73
CA GLN A 146 -18.16 19.25 6.70
C GLN A 146 -17.52 20.43 5.97
N THR A 147 -17.18 21.49 6.70
CA THR A 147 -16.37 22.56 6.10
C THR A 147 -14.98 22.03 5.78
N ILE A 148 -14.46 22.46 4.63
CA ILE A 148 -13.11 22.07 4.18
C ILE A 148 -12.33 23.33 3.79
N PRO A 149 -11.30 23.68 4.58
CA PRO A 149 -10.48 24.84 4.26
C PRO A 149 -9.81 24.72 2.90
N GLN A 150 -9.51 25.85 2.26
CA GLN A 150 -8.66 25.88 1.07
C GLN A 150 -7.35 25.12 1.26
N GLY A 151 -6.93 24.43 0.21
CA GLY A 151 -5.64 23.73 0.19
C GLY A 151 -5.63 22.34 0.81
N THR A 152 -6.81 21.84 1.20
CA THR A 152 -6.93 20.55 1.88
C THR A 152 -7.01 19.44 0.85
N PHE A 153 -6.23 18.37 1.07
CA PHE A 153 -6.36 17.17 0.24
C PHE A 153 -7.74 16.52 0.40
N ILE A 154 -8.37 16.18 -0.73
CA ILE A 154 -9.71 15.63 -0.73
C ILE A 154 -9.66 14.13 -1.00
N CYS A 155 -9.23 13.78 -2.21
CA CYS A 155 -9.16 12.39 -2.64
C CYS A 155 -8.32 12.30 -3.92
N GLU A 156 -7.95 11.09 -4.27
CA GLU A 156 -7.15 10.88 -5.46
C GLU A 156 -8.07 10.47 -6.62
N TYR A 157 -7.71 10.80 -7.84
CA TYR A 157 -8.43 10.28 -9.04
C TYR A 157 -7.85 8.91 -9.36
N VAL A 158 -8.59 7.88 -8.98
CA VAL A 158 -8.09 6.51 -9.09
C VAL A 158 -8.84 5.75 -10.17
N GLY A 159 -8.13 4.88 -10.90
CA GLY A 159 -8.78 3.99 -11.83
C GLY A 159 -7.78 3.06 -12.48
N GLU A 160 -8.09 2.68 -13.71
CA GLU A 160 -7.33 1.71 -14.49
C GLU A 160 -6.36 2.48 -15.39
N LEU A 161 -5.05 2.21 -15.24
CA LEU A 161 -4.04 2.89 -16.06
C LEU A 161 -4.07 2.22 -17.41
N ILE A 162 -4.24 3.04 -18.44
CA ILE A 162 -4.29 2.54 -19.82
C ILE A 162 -3.41 3.38 -20.72
N SER A 163 -3.01 2.81 -21.85
CA SER A 163 -2.22 3.59 -22.84
C SER A 163 -3.16 4.54 -23.59
N ASP A 164 -2.59 5.58 -24.18
CA ASP A 164 -3.30 6.45 -25.13
C ASP A 164 -4.05 5.69 -26.24
N ALA A 165 -3.37 4.73 -26.89
CA ALA A 165 -3.97 3.84 -27.89
C ALA A 165 -5.13 3.00 -27.37
N GLU A 166 -5.04 2.55 -26.12
CA GLU A 166 -6.17 1.86 -25.51
C GLU A 166 -7.33 2.81 -25.25
N ALA A 167 -7.03 4.03 -24.77
CA ALA A 167 -8.06 5.06 -24.54
C ALA A 167 -8.77 5.40 -25.85
N ASP A 168 -8.01 5.40 -26.95
CA ASP A 168 -8.57 5.66 -28.27
C ASP A 168 -9.54 4.62 -28.79
N VAL A 169 -9.57 3.45 -28.17
CA VAL A 169 -10.55 2.44 -28.59
C VAL A 169 -11.70 2.26 -27.60
N ARG A 170 -11.68 2.98 -26.48
CA ARG A 170 -12.69 2.78 -25.47
C ARG A 170 -14.01 3.45 -25.83
N GLU A 171 -15.09 2.67 -25.78
CA GLU A 171 -16.41 3.19 -26.14
C GLU A 171 -16.81 4.32 -25.18
N ASP A 172 -16.89 4.00 -23.89
CA ASP A 172 -17.31 4.97 -22.89
C ASP A 172 -16.11 5.76 -22.42
N ASP A 173 -16.03 7.02 -22.84
CA ASP A 173 -14.92 7.88 -22.49
C ASP A 173 -15.31 8.94 -21.45
N SER A 174 -16.34 8.65 -20.66
CA SER A 174 -16.87 9.63 -19.72
C SER A 174 -16.09 9.71 -18.40
N TYR A 175 -15.21 8.72 -18.18
CA TYR A 175 -14.48 8.58 -16.90
C TYR A 175 -12.97 8.60 -17.12
N LEU A 176 -12.54 9.24 -18.21
CA LEU A 176 -11.12 9.33 -18.53
C LEU A 176 -10.44 10.53 -17.89
N PHE A 177 -9.28 10.30 -17.26
CA PHE A 177 -8.41 11.42 -16.85
C PHE A 177 -7.07 11.30 -17.59
N ASP A 178 -6.74 12.32 -18.37
CA ASP A 178 -5.56 12.27 -19.23
C ASP A 178 -4.31 12.61 -18.43
N LEU A 179 -3.27 11.78 -18.58
CA LEU A 179 -1.96 12.10 -18.03
C LEU A 179 -1.07 12.53 -19.19
N ASP A 180 -1.17 13.81 -19.57
CA ASP A 180 -0.46 14.33 -20.76
C ASP A 180 1.03 14.52 -20.48
N ASN A 181 1.86 14.22 -21.48
CA ASN A 181 3.33 14.24 -21.39
C ASN A 181 3.97 14.43 -22.78
N LYS A 182 5.28 14.18 -22.87
CA LYS A 182 6.00 14.22 -24.15
C LYS A 182 7.14 13.21 -24.14
N GLU A 185 5.41 8.55 -24.99
CA GLU A 185 4.07 7.98 -25.07
C GLU A 185 3.27 8.39 -23.83
N VAL A 186 1.97 8.64 -24.00
CA VAL A 186 1.15 9.17 -22.90
C VAL A 186 0.09 8.20 -22.42
N TYR A 187 -0.45 8.46 -21.23
CA TYR A 187 -1.32 7.51 -20.56
C TYR A 187 -2.59 8.18 -19.99
N CYS A 188 -3.58 7.36 -19.66
CA CYS A 188 -4.84 7.84 -19.08
C CYS A 188 -5.19 7.02 -17.87
N ILE A 189 -5.90 7.63 -16.93
CA ILE A 189 -6.58 6.84 -15.90
C ILE A 189 -8.04 6.67 -16.33
N ASP A 190 -8.47 5.44 -16.57
CA ASP A 190 -9.88 5.23 -16.90
C ASP A 190 -10.64 4.72 -15.69
N ALA A 191 -11.61 5.50 -15.22
CA ALA A 191 -12.36 5.12 -14.03
C ALA A 191 -13.70 4.44 -14.34
N ARG A 192 -13.92 4.07 -15.60
CA ARG A 192 -15.22 3.52 -16.02
C ARG A 192 -15.46 2.17 -15.37
N TYR A 193 -14.47 1.30 -15.49
CA TYR A 193 -14.64 -0.07 -14.99
C TYR A 193 -14.17 -0.23 -13.55
N TYR A 194 -13.07 0.46 -13.23
CA TYR A 194 -12.46 0.36 -11.89
C TYR A 194 -12.23 1.80 -11.48
N GLY A 195 -12.72 2.19 -10.29
CA GLY A 195 -12.50 3.58 -9.85
C GLY A 195 -12.77 3.76 -8.37
N ASN A 196 -12.41 4.92 -7.84
CA ASN A 196 -12.76 5.26 -6.46
C ASN A 196 -13.87 6.34 -6.44
N ILE A 197 -14.02 7.05 -5.33
CA ILE A 197 -15.09 8.05 -5.16
C ILE A 197 -14.98 9.17 -6.19
N SER A 198 -13.77 9.43 -6.66
N SER A 198 -13.77 9.44 -6.65
CA SER A 198 -13.52 10.50 -7.62
CA SER A 198 -13.57 10.54 -7.61
C SER A 198 -14.22 10.30 -8.96
C SER A 198 -14.32 10.31 -8.93
N ARG A 199 -14.57 9.06 -9.28
CA ARG A 199 -15.28 8.77 -10.54
C ARG A 199 -16.69 9.40 -10.55
N PHE A 200 -17.17 9.77 -9.35
CA PHE A 200 -18.49 10.37 -9.20
C PHE A 200 -18.51 11.88 -9.10
N ILE A 201 -17.33 12.50 -9.18
CA ILE A 201 -17.22 13.95 -9.10
C ILE A 201 -17.59 14.60 -10.44
N ASN A 202 -18.60 15.48 -10.40
CA ASN A 202 -19.11 16.16 -11.58
C ASN A 202 -18.27 17.33 -11.99
N HIS A 203 -18.50 17.82 -13.21
CA HIS A 203 -17.89 19.05 -13.69
C HIS A 203 -18.64 20.25 -13.13
N LEU A 204 -17.89 21.25 -12.71
CA LEU A 204 -18.47 22.54 -12.34
C LEU A 204 -17.68 23.62 -13.09
N CYS A 205 -18.40 24.59 -13.64
CA CYS A 205 -17.75 25.68 -14.37
C CYS A 205 -17.03 26.66 -13.42
N ASP A 206 -17.50 26.70 -12.17
CA ASP A 206 -16.76 27.37 -11.07
C ASP A 206 -16.29 26.29 -10.06
N PRO A 207 -15.14 25.66 -10.34
CA PRO A 207 -14.72 24.48 -9.56
C PRO A 207 -14.29 24.83 -8.13
N ASN A 208 -14.39 23.87 -7.22
CA ASN A 208 -13.88 24.07 -5.87
C ASN A 208 -12.71 23.13 -5.53
N ILE A 209 -12.30 22.32 -6.52
CA ILE A 209 -11.11 21.47 -6.38
C ILE A 209 -10.23 21.55 -7.63
N ILE A 210 -8.93 21.31 -7.45
CA ILE A 210 -7.99 21.29 -8.57
C ILE A 210 -7.17 20.00 -8.55
N PRO A 211 -6.86 19.45 -9.72
CA PRO A 211 -6.02 18.26 -9.75
C PRO A 211 -4.53 18.63 -9.66
N VAL A 212 -3.76 17.82 -8.93
CA VAL A 212 -2.32 18.05 -8.77
C VAL A 212 -1.60 16.73 -9.01
N ARG A 213 -0.52 16.76 -9.80
CA ARG A 213 0.28 15.57 -10.07
C ARG A 213 1.24 15.34 -8.93
N VAL A 214 1.23 14.13 -8.37
CA VAL A 214 2.02 13.85 -7.18
C VAL A 214 2.77 12.55 -7.40
N PHE A 215 3.97 12.45 -6.82
CA PHE A 215 4.77 11.24 -6.80
C PHE A 215 5.04 10.81 -5.37
N MET A 216 4.95 9.51 -5.16
CA MET A 216 5.06 8.94 -3.82
C MET A 216 6.01 7.75 -3.87
N LEU A 217 5.49 6.55 -4.07
CA LEU A 217 6.32 5.36 -3.96
C LEU A 217 7.21 5.07 -5.17
N HIS A 218 6.95 5.77 -6.28
CA HIS A 218 7.79 5.68 -7.48
C HIS A 218 7.89 7.11 -8.02
N GLN A 219 8.83 7.33 -8.93
CA GLN A 219 8.93 8.63 -9.59
C GLN A 219 9.01 8.43 -11.09
N ASP A 220 8.26 7.46 -11.60
CA ASP A 220 8.15 7.28 -13.04
C ASP A 220 7.24 8.40 -13.54
N LEU A 221 7.85 9.37 -14.22
CA LEU A 221 7.14 10.60 -14.61
C LEU A 221 6.00 10.41 -15.62
N ARG A 222 5.91 9.22 -16.20
CA ARG A 222 4.81 8.89 -17.11
C ARG A 222 3.52 8.65 -16.31
N PHE A 223 3.68 8.34 -15.01
CA PHE A 223 2.56 7.92 -14.18
C PHE A 223 2.39 8.75 -12.91
N PRO A 224 2.14 10.06 -13.07
CA PRO A 224 1.82 10.84 -11.89
C PRO A 224 0.51 10.35 -11.32
N ARG A 225 0.34 10.50 -10.01
CA ARG A 225 -0.93 10.21 -9.38
C ARG A 225 -1.65 11.54 -9.23
N ILE A 226 -2.96 11.52 -9.40
CA ILE A 226 -3.72 12.77 -9.48
C ILE A 226 -4.42 13.05 -8.15
N ALA A 227 -4.00 14.12 -7.49
CA ALA A 227 -4.54 14.44 -6.16
C ALA A 227 -5.44 15.67 -6.29
N PHE A 228 -6.65 15.60 -5.77
CA PHE A 228 -7.55 16.76 -5.72
C PHE A 228 -7.41 17.45 -4.39
N PHE A 229 -7.18 18.76 -4.47
CA PHE A 229 -7.12 19.64 -3.32
C PHE A 229 -8.19 20.69 -3.51
N SER A 230 -8.78 21.17 -2.41
CA SER A 230 -9.71 22.31 -2.49
C SER A 230 -8.99 23.58 -2.96
N SER A 231 -9.64 24.34 -3.84
CA SER A 231 -9.08 25.60 -4.37
C SER A 231 -9.59 26.82 -3.60
N ARG A 232 -10.56 26.58 -2.70
N ARG A 232 -10.53 26.57 -2.69
CA ARG A 232 -11.15 27.63 -1.87
CA ARG A 232 -11.10 27.61 -1.83
C ARG A 232 -11.76 26.96 -0.66
C ARG A 232 -11.74 26.92 -0.64
N ASP A 233 -12.18 27.70 0.35
CA ASP A 233 -12.95 27.12 1.45
C ASP A 233 -14.24 26.54 0.87
N ILE A 234 -14.56 25.31 1.28
CA ILE A 234 -15.76 24.60 0.83
C ILE A 234 -16.71 24.51 2.02
N ARG A 235 -17.99 24.73 1.77
CA ARG A 235 -18.99 24.71 2.84
C ARG A 235 -19.60 23.33 2.99
N THR A 236 -20.09 23.05 4.20
CA THR A 236 -20.80 21.82 4.48
C THR A 236 -21.93 21.65 3.47
N GLY A 237 -22.07 20.45 2.90
CA GLY A 237 -23.13 20.17 1.94
C GLY A 237 -22.85 20.54 0.50
N GLU A 238 -21.80 21.32 0.27
CA GLU A 238 -21.42 21.78 -1.05
C GLU A 238 -20.94 20.64 -1.94
N GLU A 239 -21.49 20.57 -3.16
CA GLU A 239 -20.99 19.60 -4.13
C GLU A 239 -19.56 19.90 -4.56
N LEU A 240 -18.74 18.85 -4.59
CA LEU A 240 -17.39 18.95 -5.10
C LEU A 240 -17.41 18.90 -6.62
N GLY A 241 -16.55 19.71 -7.26
CA GLY A 241 -16.41 19.63 -8.72
C GLY A 241 -15.12 20.24 -9.23
N PHE A 242 -14.62 19.72 -10.33
CA PHE A 242 -13.46 20.27 -11.01
C PHE A 242 -13.82 20.59 -12.45
N ASP A 243 -12.96 21.38 -13.10
CA ASP A 243 -13.14 21.70 -14.51
C ASP A 243 -12.68 20.53 -15.38
N TYR A 244 -13.63 19.86 -16.02
CA TYR A 244 -13.31 18.74 -16.92
C TYR A 244 -12.47 19.20 -18.10
N GLY A 245 -12.51 20.51 -18.40
CA GLY A 245 -11.75 21.09 -19.51
C GLY A 245 -12.52 21.14 -20.82
N ASP A 246 -12.07 22.01 -21.73
CA ASP A 246 -12.82 22.26 -22.97
C ASP A 246 -12.89 21.05 -23.90
N ARG A 247 -11.92 20.16 -23.80
CA ARG A 247 -11.89 18.94 -24.63
C ARG A 247 -13.12 18.05 -24.39
N PHE A 248 -13.34 17.64 -23.14
CA PHE A 248 -14.52 16.87 -22.73
C PHE A 248 -15.80 17.46 -23.34
N TRP A 249 -15.97 18.76 -23.20
CA TRP A 249 -17.22 19.41 -23.59
C TRP A 249 -17.39 19.52 -25.11
N ASP A 250 -16.28 19.65 -25.82
CA ASP A 250 -16.28 19.60 -27.29
C ASP A 250 -16.90 18.31 -27.80
N ILE A 251 -16.49 17.20 -27.20
CA ILE A 251 -17.02 15.89 -27.57
C ILE A 251 -18.47 15.73 -27.10
N LYS A 252 -18.75 16.19 -25.88
CA LYS A 252 -19.99 15.82 -25.20
C LYS A 252 -21.16 16.78 -25.35
N SER A 253 -20.89 18.05 -25.65
CA SER A 253 -21.94 19.08 -25.62
C SER A 253 -23.09 18.84 -26.62
N LYS A 254 -22.79 18.05 -27.65
CA LYS A 254 -23.75 17.59 -28.64
C LYS A 254 -24.76 16.58 -28.07
N TYR A 255 -24.40 15.97 -26.94
CA TYR A 255 -25.22 14.92 -26.32
C TYR A 255 -25.98 15.39 -25.08
N PHE A 256 -25.36 16.29 -24.33
CA PHE A 256 -25.95 16.89 -23.14
C PHE A 256 -25.18 18.15 -22.82
N THR A 257 -25.79 19.00 -22.01
CA THR A 257 -25.20 20.27 -21.70
C THR A 257 -25.00 20.37 -20.20
N CYS A 258 -24.25 21.39 -19.80
CA CYS A 258 -23.86 21.55 -18.40
C CYS A 258 -25.02 22.00 -17.55
N GLN A 259 -25.19 21.33 -16.43
CA GLN A 259 -26.25 21.63 -15.47
C GLN A 259 -25.68 22.18 -14.18
N CYS A 260 -24.47 22.75 -14.22
CA CYS A 260 -23.81 23.20 -12.97
C CYS A 260 -24.60 24.30 -12.26
N GLY A 261 -25.37 25.07 -13.03
CA GLY A 261 -26.28 26.08 -12.48
C GLY A 261 -25.67 27.45 -12.23
N SER A 262 -24.35 27.55 -12.38
CA SER A 262 -23.60 28.78 -12.09
C SER A 262 -23.82 29.89 -13.12
N GLU A 263 -23.80 31.14 -12.66
CA GLU A 263 -23.90 32.32 -13.55
C GLU A 263 -22.71 32.36 -14.50
N LYS A 264 -21.60 31.73 -14.07
CA LYS A 264 -20.39 31.69 -14.86
C LYS A 264 -20.32 30.48 -15.79
N CYS A 265 -21.43 29.74 -15.92
CA CYS A 265 -21.46 28.56 -16.77
C CYS A 265 -21.09 28.82 -18.23
N LYS A 266 -20.19 27.99 -18.73
CA LYS A 266 -19.66 28.12 -20.08
C LYS A 266 -20.19 27.01 -20.98
N HIS A 267 -20.90 26.04 -20.42
CA HIS A 267 -21.27 24.85 -21.19
C HIS A 267 -22.77 24.49 -21.16
N SER A 268 -23.60 25.40 -20.67
CA SER A 268 -25.04 25.16 -20.66
C SER A 268 -25.64 25.39 -22.04
N ALA A 269 -26.84 24.86 -22.25
CA ALA A 269 -27.58 25.06 -23.49
C ALA A 269 -27.65 26.55 -23.86
N GLU A 270 -27.93 27.40 -22.86
CA GLU A 270 -27.99 28.87 -23.03
C GLU A 270 -26.64 29.45 -23.46
N ALA A 271 -25.58 29.07 -22.73
CA ALA A 271 -24.23 29.57 -23.00
C ALA A 271 -23.73 29.13 -24.38
N ILE A 272 -24.07 27.91 -24.77
CA ILE A 272 -23.73 27.39 -26.10
C ILE A 272 -24.49 28.16 -27.18
N ALA A 273 -25.77 28.45 -26.93
CA ALA A 273 -26.60 29.20 -27.87
C ALA A 273 -26.12 30.65 -28.07
N LEU A 274 -25.68 31.28 -26.97
CA LEU A 274 -25.12 32.64 -27.02
C LEU A 274 -23.84 32.71 -27.85
N GLU A 275 -23.00 31.68 -27.76
CA GLU A 275 -21.74 31.60 -28.53
C GLU A 275 -21.98 31.31 -30.01
N GLN A 276 -22.93 30.42 -30.30
CA GLN A 276 -23.35 30.11 -31.68
C GLN A 276 -23.98 31.34 -32.36
N SER A 277 -24.79 32.07 -31.59
CA SER A 277 -25.38 33.32 -32.06
C SER A 277 -24.32 34.41 -32.23
N ARG A 278 -23.49 34.60 -31.20
CA ARG A 278 -22.43 35.62 -31.21
C ARG A 278 -21.40 35.38 -32.32
N LEU A 279 -21.47 34.19 -32.94
CA LEU A 279 -20.59 33.84 -34.05
C LEU A 279 -21.00 34.54 -35.37
N ALA A 280 -22.28 34.87 -35.48
CA ALA A 280 -22.84 35.46 -36.71
C ALA A 280 -22.44 36.92 -36.91
N GLU B 9 18.95 -2.58 30.12
CA GLU B 9 18.08 -2.48 28.92
C GLU B 9 17.00 -1.40 29.03
N LYS B 10 17.34 -0.20 28.55
CA LYS B 10 16.40 0.90 28.36
C LYS B 10 16.48 1.30 26.88
N ILE B 11 15.40 1.91 26.37
CA ILE B 11 15.30 2.23 24.94
C ILE B 11 16.49 3.07 24.42
N ILE B 12 17.25 2.49 23.50
CA ILE B 12 18.27 3.22 22.75
C ILE B 12 17.63 3.89 21.52
N CYS B 13 16.85 3.13 20.75
CA CYS B 13 16.04 3.65 19.64
C CYS B 13 14.57 3.33 19.91
N ARG B 14 13.70 4.35 19.82
CA ARG B 14 12.27 4.17 20.07
C ARG B 14 11.58 3.32 18.99
N ASP B 15 12.03 3.46 17.75
CA ASP B 15 11.41 2.75 16.63
C ASP B 15 12.35 2.59 15.46
N VAL B 16 12.89 1.39 15.29
CA VAL B 16 13.76 1.09 14.15
C VAL B 16 13.04 1.19 12.79
N ALA B 17 11.71 1.13 12.82
CA ALA B 17 10.90 1.19 11.60
C ALA B 17 10.53 2.61 11.19
N ARG B 18 10.91 3.61 12.00
CA ARG B 18 10.65 5.03 11.64
C ARG B 18 9.16 5.32 11.33
N GLY B 19 8.26 4.72 12.10
CA GLY B 19 6.82 4.92 11.94
C GLY B 19 6.17 4.17 10.79
N TYR B 20 6.91 3.25 10.16
CA TYR B 20 6.37 2.50 9.00
C TYR B 20 5.53 1.29 9.35
N GLU B 21 5.63 0.79 10.59
CA GLU B 21 4.78 -0.33 11.01
C GLU B 21 3.60 0.16 11.85
N ASN B 22 2.62 -0.73 12.07
CA ASN B 22 1.43 -0.39 12.88
C ASN B 22 1.81 -0.03 14.31
N VAL B 23 2.92 -0.62 14.79
CA VAL B 23 3.41 -0.44 16.15
C VAL B 23 4.92 -0.08 16.10
N PRO B 24 5.44 0.63 17.13
CA PRO B 24 6.88 0.90 17.11
C PRO B 24 7.65 -0.37 17.41
N ILE B 25 8.91 -0.43 16.95
CA ILE B 25 9.76 -1.57 17.27
C ILE B 25 11.04 -1.00 17.90
N PRO B 26 11.08 -0.91 19.23
CA PRO B 26 12.24 -0.30 19.88
C PRO B 26 13.46 -1.21 19.87
N CYS B 27 14.63 -0.60 20.03
CA CYS B 27 15.91 -1.30 20.12
C CYS B 27 16.58 -0.98 21.45
N VAL B 28 17.01 -2.04 22.12
CA VAL B 28 17.78 -1.94 23.37
C VAL B 28 19.05 -2.79 23.32
N ASN B 29 20.07 -2.36 24.06
CA ASN B 29 21.25 -3.18 24.24
C ASN B 29 21.62 -3.19 25.73
N GLY B 30 21.41 -4.33 26.38
CA GLY B 30 21.75 -4.47 27.80
C GLY B 30 22.93 -5.39 28.01
N VAL B 31 23.68 -5.65 26.92
CA VAL B 31 24.70 -6.69 26.90
C VAL B 31 26.12 -6.15 26.68
N ASP B 32 26.30 -5.38 25.61
CA ASP B 32 27.63 -4.89 25.23
C ASP B 32 27.55 -3.45 24.74
N GLY B 33 28.59 -2.99 24.07
CA GLY B 33 28.69 -1.57 23.72
C GLY B 33 28.23 -1.25 22.31
N GLU B 34 27.71 -2.24 21.60
CA GLU B 34 27.29 -2.02 20.19
C GLU B 34 26.07 -1.13 20.05
N PRO B 35 26.19 0.00 19.34
CA PRO B 35 25.05 0.89 19.13
C PRO B 35 23.98 0.18 18.27
N CYS B 36 22.75 0.65 18.30
CA CYS B 36 21.69 0.05 17.46
C CYS B 36 22.10 0.02 15.98
N PRO B 37 21.81 -1.09 15.28
CA PRO B 37 22.43 -1.27 13.95
C PRO B 37 21.89 -0.31 12.90
N GLU B 38 22.79 0.20 12.05
CA GLU B 38 22.35 1.09 10.99
C GLU B 38 23.06 0.89 9.65
N ASP B 39 23.65 -0.28 9.46
CA ASP B 39 24.26 -0.61 8.17
C ASP B 39 23.26 -1.34 7.24
N TYR B 40 22.07 -0.77 7.12
CA TYR B 40 21.00 -1.28 6.26
C TYR B 40 19.94 -0.22 6.20
N LYS B 41 19.04 -0.35 5.22
CA LYS B 41 17.93 0.57 5.11
C LYS B 41 16.66 -0.15 5.56
N TYR B 42 15.97 0.36 6.59
CA TYR B 42 14.71 -0.28 7.01
C TYR B 42 13.63 0.02 5.99
N ILE B 43 13.01 -1.04 5.46
CA ILE B 43 11.83 -0.90 4.61
C ILE B 43 10.72 -1.81 5.13
N SER B 44 9.49 -1.34 5.03
CA SER B 44 8.37 -2.14 5.57
C SER B 44 7.79 -3.12 4.53
N GLU B 45 8.08 -2.90 3.25
CA GLU B 45 7.63 -3.83 2.20
C GLU B 45 8.76 -4.11 1.21
N ASN B 46 8.63 -5.22 0.50
CA ASN B 46 9.65 -5.64 -0.46
C ASN B 46 9.94 -4.55 -1.50
N CYS B 47 11.21 -4.44 -1.88
CA CYS B 47 11.63 -3.49 -2.90
C CYS B 47 12.27 -4.25 -4.04
N GLU B 48 12.46 -3.58 -5.15
CA GLU B 48 13.23 -4.17 -6.22
C GLU B 48 14.34 -3.24 -6.66
N THR B 49 15.42 -3.82 -7.17
CA THR B 49 16.59 -3.06 -7.61
C THR B 49 16.98 -3.42 -9.04
N SER B 50 16.09 -4.11 -9.75
CA SER B 50 16.26 -4.43 -11.17
C SER B 50 14.87 -4.67 -11.75
N THR B 51 14.76 -4.88 -13.05
CA THR B 51 13.45 -5.11 -13.70
C THR B 51 12.90 -6.48 -13.30
N MET B 52 11.80 -6.51 -12.53
CA MET B 52 11.22 -7.78 -12.08
C MET B 52 9.85 -8.08 -12.70
N ASN B 53 9.11 -7.03 -13.00
CA ASN B 53 7.77 -7.09 -13.60
C ASN B 53 6.85 -8.03 -12.89
N ILE B 54 6.68 -7.80 -11.59
CA ILE B 54 5.71 -8.57 -10.85
C ILE B 54 4.37 -8.40 -11.58
N ASP B 55 3.66 -9.51 -11.79
CA ASP B 55 2.37 -9.46 -12.47
C ASP B 55 1.31 -8.84 -11.55
N ARG B 56 1.01 -7.56 -11.78
CA ARG B 56 0.01 -6.86 -10.98
C ARG B 56 -1.32 -6.69 -11.74
N ASN B 57 -1.52 -7.48 -12.78
CA ASN B 57 -2.73 -7.36 -13.61
C ASN B 57 -3.92 -7.77 -12.76
N ILE B 58 -4.80 -6.80 -12.47
CA ILE B 58 -5.95 -7.06 -11.57
C ILE B 58 -6.89 -8.14 -12.11
N THR B 59 -6.96 -8.24 -13.44
CA THR B 59 -7.75 -9.27 -14.12
C THR B 59 -7.12 -10.65 -13.96
N HIS B 60 -5.84 -10.71 -13.54
CA HIS B 60 -5.18 -12.01 -13.27
C HIS B 60 -5.38 -12.52 -11.84
N LEU B 61 -6.11 -11.77 -11.03
CA LEU B 61 -6.36 -12.15 -9.64
C LEU B 61 -7.53 -13.11 -9.50
N GLN B 62 -7.28 -14.27 -8.92
CA GLN B 62 -8.40 -15.08 -8.46
C GLN B 62 -8.98 -14.42 -7.22
N HIS B 63 -10.30 -14.38 -7.13
CA HIS B 63 -10.95 -13.58 -6.10
C HIS B 63 -12.29 -14.19 -5.79
N CYS B 64 -12.84 -13.82 -4.65
CA CYS B 64 -14.11 -14.41 -4.23
C CYS B 64 -15.29 -13.48 -4.46
N THR B 65 -16.49 -14.05 -4.33
CA THR B 65 -17.72 -13.30 -4.54
C THR B 65 -18.54 -13.11 -3.25
N CYS B 66 -17.92 -13.43 -2.11
CA CYS B 66 -18.56 -13.32 -0.80
C CYS B 66 -19.10 -11.92 -0.48
N VAL B 67 -20.30 -11.86 0.08
CA VAL B 67 -20.78 -10.58 0.65
C VAL B 67 -20.96 -10.64 2.18
N ASP B 68 -20.45 -11.72 2.78
CA ASP B 68 -20.29 -11.81 4.24
C ASP B 68 -18.84 -11.42 4.61
N ASP B 69 -18.34 -11.95 5.74
CA ASP B 69 -16.97 -11.69 6.21
C ASP B 69 -15.95 -12.75 5.74
N CYS B 70 -16.32 -13.52 4.71
CA CYS B 70 -15.51 -14.63 4.19
C CYS B 70 -15.20 -15.66 5.27
N SER B 71 -16.13 -15.87 6.20
CA SER B 71 -15.96 -16.93 7.19
C SER B 71 -16.56 -18.26 6.71
N SER B 72 -17.25 -18.25 5.56
CA SER B 72 -17.86 -19.48 5.04
C SER B 72 -16.90 -20.29 4.18
N SER B 73 -17.14 -21.60 4.10
CA SER B 73 -16.30 -22.48 3.28
C SER B 73 -16.47 -22.26 1.77
N ASN B 74 -17.43 -21.44 1.38
CA ASN B 74 -17.67 -21.13 -0.03
C ASN B 74 -16.79 -19.99 -0.55
N CYS B 75 -16.02 -19.37 0.33
CA CYS B 75 -15.01 -18.38 -0.09
C CYS B 75 -13.99 -19.01 -1.05
N LEU B 76 -13.92 -18.50 -2.27
CA LEU B 76 -13.01 -19.07 -3.27
C LEU B 76 -11.56 -18.88 -2.86
N CYS B 77 -11.26 -17.72 -2.27
CA CYS B 77 -9.90 -17.47 -1.77
C CYS B 77 -9.44 -18.50 -0.75
N GLY B 78 -10.34 -18.85 0.17
CA GLY B 78 -10.11 -19.90 1.17
C GLY B 78 -9.91 -21.27 0.52
N GLN B 79 -10.76 -21.62 -0.44
CA GLN B 79 -10.61 -22.86 -1.21
C GLN B 79 -9.26 -22.99 -1.94
N LEU B 80 -8.69 -21.87 -2.40
CA LEU B 80 -7.39 -21.91 -3.07
C LEU B 80 -6.28 -22.26 -2.08
N SER B 81 -6.53 -21.91 -0.81
CA SER B 81 -5.63 -22.13 0.32
C SER B 81 -5.94 -23.49 0.93
N ILE B 82 -6.74 -24.29 0.20
CA ILE B 82 -7.44 -25.51 0.69
C ILE B 82 -8.72 -25.19 1.49
N ARG B 83 -8.55 -24.42 2.57
CA ARG B 83 -9.62 -23.80 3.31
C ARG B 83 -8.92 -22.56 3.86
N CYS B 84 -9.68 -21.57 4.35
CA CYS B 84 -9.06 -20.47 5.09
C CYS B 84 -8.53 -21.06 6.39
N TRP B 85 -7.28 -20.76 6.71
CA TRP B 85 -6.62 -21.33 7.89
C TRP B 85 -6.66 -20.42 9.11
N TYR B 86 -7.31 -19.28 8.94
CA TYR B 86 -7.42 -18.29 9.99
C TYR B 86 -8.69 -18.51 10.80
N ASP B 87 -8.55 -18.61 12.12
CA ASP B 87 -9.70 -18.68 13.02
C ASP B 87 -10.32 -17.28 13.14
N LYS B 88 -11.35 -17.16 13.99
CA LYS B 88 -12.09 -15.90 14.11
C LYS B 88 -11.24 -14.71 14.57
N ASP B 89 -10.07 -15.02 15.14
CA ASP B 89 -9.20 -14.02 15.76
C ASP B 89 -7.99 -13.63 14.88
N GLY B 90 -7.90 -14.26 13.72
CA GLY B 90 -6.77 -14.04 12.83
C GLY B 90 -5.61 -14.99 13.06
N ARG B 91 -5.83 -16.03 13.87
CA ARG B 91 -4.78 -16.99 14.17
C ARG B 91 -4.94 -18.28 13.38
N LEU B 92 -3.82 -18.91 13.01
CA LEU B 92 -3.84 -20.18 12.31
C LEU B 92 -4.49 -21.26 13.17
N LEU B 93 -5.27 -22.14 12.54
CA LEU B 93 -5.93 -23.24 13.24
C LEU B 93 -4.87 -24.20 13.78
N GLN B 94 -5.15 -24.83 14.93
CA GLN B 94 -4.23 -25.82 15.52
C GLN B 94 -3.88 -26.95 14.54
N GLU B 95 -4.82 -27.28 13.66
CA GLU B 95 -4.66 -28.32 12.63
C GLU B 95 -3.70 -27.91 11.52
N PHE B 96 -3.40 -26.61 11.42
CA PHE B 96 -2.52 -26.09 10.37
C PHE B 96 -1.26 -26.94 10.23
N ASN B 97 -0.95 -27.35 9.00
CA ASN B 97 0.23 -28.15 8.73
C ASN B 97 1.50 -27.31 8.90
N LYS B 98 2.13 -27.44 10.06
CA LYS B 98 3.33 -26.70 10.39
C LYS B 98 4.59 -27.26 9.70
N ILE B 99 4.53 -28.52 9.27
CA ILE B 99 5.65 -29.18 8.60
C ILE B 99 5.82 -28.68 7.17
N GLU B 100 4.74 -28.79 6.39
CA GLU B 100 4.71 -28.29 5.01
C GLU B 100 3.48 -27.40 4.83
N PRO B 101 3.63 -26.10 5.15
CA PRO B 101 2.50 -25.17 5.06
C PRO B 101 1.94 -25.08 3.63
N PRO B 102 0.60 -24.96 3.50
CA PRO B 102 0.01 -24.71 2.18
C PRO B 102 0.22 -23.25 1.78
N LEU B 103 0.09 -22.94 0.50
CA LEU B 103 0.11 -21.56 0.03
C LEU B 103 -1.17 -20.86 0.50
N ILE B 104 -1.03 -19.70 1.13
CA ILE B 104 -2.22 -18.98 1.56
C ILE B 104 -2.55 -17.92 0.53
N PHE B 105 -3.82 -17.89 0.13
CA PHE B 105 -4.32 -16.85 -0.72
C PHE B 105 -5.26 -15.97 0.07
N GLU B 106 -4.78 -14.81 0.48
CA GLU B 106 -5.62 -13.82 1.13
C GLU B 106 -6.55 -13.12 0.12
N CYS B 107 -7.61 -12.50 0.63
CA CYS B 107 -8.51 -11.70 -0.21
C CYS B 107 -7.77 -10.46 -0.68
N ASN B 108 -8.30 -9.86 -1.74
CA ASN B 108 -7.57 -8.82 -2.44
C ASN B 108 -8.54 -7.80 -3.00
N GLN B 109 -7.99 -6.85 -3.75
CA GLN B 109 -8.74 -5.74 -4.28
C GLN B 109 -9.75 -6.16 -5.39
N ALA B 110 -9.66 -7.39 -5.89
CA ALA B 110 -10.66 -7.88 -6.86
C ALA B 110 -11.86 -8.57 -6.18
N CYS B 111 -11.66 -9.08 -4.96
CA CYS B 111 -12.74 -9.68 -4.15
C CYS B 111 -13.92 -8.75 -3.87
N SER B 112 -15.13 -9.28 -3.83
CA SER B 112 -16.31 -8.50 -3.52
C SER B 112 -16.43 -8.13 -2.05
N CYS B 113 -15.65 -8.80 -1.19
CA CYS B 113 -15.77 -8.63 0.28
C CYS B 113 -15.18 -7.30 0.78
N TRP B 114 -15.39 -7.02 2.06
CA TRP B 114 -14.86 -5.80 2.66
C TRP B 114 -13.40 -5.97 3.11
N ARG B 115 -12.69 -4.85 3.25
CA ARG B 115 -11.28 -4.80 3.67
C ARG B 115 -11.05 -5.42 5.07
N ASN B 116 -12.11 -5.60 5.85
CA ASN B 116 -11.99 -6.16 7.19
C ASN B 116 -12.50 -7.60 7.28
N CYS B 117 -12.55 -8.31 6.13
CA CYS B 117 -13.00 -9.69 6.14
C CYS B 117 -12.00 -10.56 6.90
N LYS B 118 -12.35 -11.83 7.09
CA LYS B 118 -11.54 -12.72 7.92
C LYS B 118 -10.33 -13.34 7.23
N ASN B 119 -10.18 -13.09 5.93
CA ASN B 119 -9.07 -13.62 5.15
C ASN B 119 -8.06 -12.55 4.74
N ARG B 120 -7.63 -11.74 5.72
CA ARG B 120 -6.73 -10.60 5.44
C ARG B 120 -5.67 -10.33 6.56
N VAL B 121 -5.23 -11.39 7.22
CA VAL B 121 -4.35 -11.23 8.38
C VAL B 121 -2.98 -10.60 8.03
N VAL B 122 -2.29 -11.16 7.05
CA VAL B 122 -0.90 -10.75 6.78
C VAL B 122 -0.92 -9.33 6.21
N GLN B 123 -1.89 -9.07 5.33
CA GLN B 123 -1.95 -7.75 4.69
C GLN B 123 -2.28 -6.64 5.67
N SER B 124 -2.76 -6.99 6.87
CA SER B 124 -3.08 -5.99 7.89
C SER B 124 -1.89 -5.57 8.75
N GLY B 125 -0.78 -6.30 8.61
CA GLY B 125 0.50 -5.92 9.24
C GLY B 125 0.73 -6.35 10.69
N ILE B 126 1.78 -5.78 11.27
CA ILE B 126 2.23 -6.20 12.60
C ILE B 126 1.27 -5.71 13.67
N LYS B 127 0.88 -6.64 14.55
CA LYS B 127 0.08 -6.30 15.74
C LYS B 127 0.75 -6.61 17.09
N VAL B 128 1.67 -7.58 17.12
CA VAL B 128 2.35 -7.89 18.38
C VAL B 128 3.44 -6.89 18.69
N ARG B 129 3.73 -6.71 19.97
CA ARG B 129 4.83 -5.84 20.40
C ARG B 129 6.12 -6.64 20.36
N LEU B 130 7.04 -6.20 19.50
CA LEU B 130 8.37 -6.80 19.38
C LEU B 130 9.48 -5.85 19.80
N GLN B 131 10.65 -6.40 20.04
CA GLN B 131 11.81 -5.61 20.41
C GLN B 131 13.08 -6.18 19.78
N LEU B 132 13.87 -5.28 19.20
CA LEU B 132 15.20 -5.60 18.72
C LEU B 132 16.10 -5.46 19.94
N TYR B 133 16.84 -6.52 20.26
CA TYR B 133 17.69 -6.54 21.47
C TYR B 133 19.03 -7.22 21.21
N ARG B 134 20.01 -6.95 22.08
CA ARG B 134 21.30 -7.57 21.94
C ARG B 134 21.27 -8.89 22.71
N THR B 135 21.58 -9.99 22.03
CA THR B 135 21.62 -11.30 22.66
C THR B 135 22.99 -11.47 23.32
N ALA B 136 23.16 -12.55 24.05
CA ALA B 136 24.47 -12.88 24.62
C ALA B 136 25.49 -13.39 23.59
N LYS B 137 25.07 -14.32 22.72
CA LYS B 137 26.01 -15.03 21.82
C LYS B 137 25.73 -14.95 20.30
N MET B 138 24.70 -14.20 19.91
CA MET B 138 24.19 -14.29 18.54
C MET B 138 23.94 -12.93 17.91
N GLY B 139 24.64 -11.91 18.42
CA GLY B 139 24.46 -10.53 17.95
C GLY B 139 23.07 -10.04 18.27
N TRP B 140 22.47 -9.32 17.33
CA TRP B 140 21.14 -8.78 17.54
C TRP B 140 20.12 -9.90 17.33
N GLY B 141 19.02 -9.82 18.07
CA GLY B 141 17.88 -10.73 17.90
C GLY B 141 16.56 -10.02 18.10
N VAL B 142 15.46 -10.74 17.99
CA VAL B 142 14.16 -10.13 18.17
C VAL B 142 13.41 -10.89 19.24
N ARG B 143 12.81 -10.18 20.17
CA ARG B 143 11.99 -10.86 21.19
C ARG B 143 10.60 -10.26 21.32
N ALA B 144 9.70 -11.04 21.93
CA ALA B 144 8.35 -10.63 22.26
C ALA B 144 8.29 -9.78 23.52
N LEU B 145 7.55 -8.69 23.46
CA LEU B 145 7.25 -7.90 24.65
C LEU B 145 5.85 -8.22 25.23
N GLN B 146 5.28 -9.33 24.80
CA GLN B 146 3.97 -9.74 25.28
C GLN B 146 3.87 -11.24 25.07
N THR B 147 2.89 -11.88 25.72
CA THR B 147 2.59 -13.27 25.39
C THR B 147 1.96 -13.27 24.00
N ILE B 148 2.27 -14.29 23.24
CA ILE B 148 1.77 -14.41 21.88
C ILE B 148 1.21 -15.80 21.73
N PRO B 149 -0.12 -15.93 21.63
CA PRO B 149 -0.63 -17.29 21.46
C PRO B 149 -0.20 -17.92 20.14
N GLN B 150 -0.12 -19.24 20.16
CA GLN B 150 0.09 -20.05 18.97
C GLN B 150 -0.77 -19.61 17.78
N GLY B 151 -0.13 -19.52 16.61
CA GLY B 151 -0.83 -19.29 15.34
C GLY B 151 -0.95 -17.81 14.99
N THR B 152 -0.28 -16.97 15.74
CA THR B 152 -0.44 -15.54 15.62
C THR B 152 0.53 -15.03 14.55
N PHE B 153 0.07 -14.11 13.69
CA PHE B 153 0.98 -13.50 12.72
C PHE B 153 1.97 -12.60 13.46
N ILE B 154 3.24 -12.70 13.10
CA ILE B 154 4.29 -11.97 13.80
C ILE B 154 4.79 -10.83 12.93
N CYS B 155 5.39 -11.18 11.82
CA CYS B 155 5.92 -10.19 10.89
C CYS B 155 6.23 -10.89 9.59
N GLU B 156 6.50 -10.10 8.56
CA GLU B 156 6.86 -10.60 7.23
C GLU B 156 8.38 -10.53 7.01
N TYR B 157 8.92 -11.45 6.23
CA TYR B 157 10.34 -11.41 5.85
C TYR B 157 10.47 -10.50 4.62
N VAL B 158 10.93 -9.30 4.86
CA VAL B 158 10.91 -8.24 3.86
C VAL B 158 12.33 -7.91 3.42
N GLY B 159 12.50 -7.71 2.11
CA GLY B 159 13.76 -7.15 1.63
C GLY B 159 13.76 -6.92 0.13
N GLU B 160 14.96 -6.98 -0.43
CA GLU B 160 15.20 -6.76 -1.84
C GLU B 160 14.94 -8.04 -2.62
N LEU B 161 14.03 -7.96 -3.61
CA LEU B 161 13.72 -9.09 -4.47
C LEU B 161 14.82 -9.22 -5.53
N ILE B 162 15.46 -10.38 -5.61
CA ILE B 162 16.56 -10.59 -6.57
C ILE B 162 16.48 -11.96 -7.24
N SER B 163 17.11 -12.09 -8.42
CA SER B 163 17.07 -13.37 -9.13
C SER B 163 18.01 -14.37 -8.46
N ASP B 164 17.82 -15.66 -8.79
CA ASP B 164 18.74 -16.72 -8.39
C ASP B 164 20.17 -16.38 -8.84
N ALA B 165 20.31 -15.93 -10.08
CA ALA B 165 21.61 -15.54 -10.64
C ALA B 165 22.27 -14.41 -9.86
N GLU B 166 21.50 -13.39 -9.47
CA GLU B 166 22.03 -12.30 -8.65
C GLU B 166 22.40 -12.82 -7.27
N ALA B 167 21.51 -13.61 -6.67
CA ALA B 167 21.79 -14.23 -5.38
C ALA B 167 23.12 -15.02 -5.45
N ASP B 168 23.37 -15.66 -6.59
CA ASP B 168 24.57 -16.49 -6.75
C ASP B 168 25.90 -15.72 -6.79
N VAL B 169 25.85 -14.38 -6.91
CA VAL B 169 27.08 -13.57 -6.85
C VAL B 169 27.11 -12.56 -5.70
N ARG B 170 26.11 -12.62 -4.81
CA ARG B 170 26.08 -11.78 -3.62
C ARG B 170 27.19 -12.22 -2.65
N GLU B 171 28.01 -11.29 -2.19
CA GLU B 171 29.11 -11.62 -1.26
C GLU B 171 28.58 -12.03 0.12
N ASP B 172 27.69 -11.21 0.68
CA ASP B 172 27.09 -11.52 1.99
C ASP B 172 25.77 -12.27 1.78
N ASP B 173 25.80 -13.56 2.09
CA ASP B 173 24.62 -14.38 1.95
C ASP B 173 24.01 -14.74 3.32
N SER B 174 24.14 -13.85 4.30
CA SER B 174 23.63 -14.11 5.66
C SER B 174 22.16 -13.71 5.85
N TYR B 175 21.59 -13.01 4.86
CA TYR B 175 20.24 -12.45 4.98
C TYR B 175 19.35 -12.82 3.80
N LEU B 176 19.59 -13.98 3.21
CA LEU B 176 18.85 -14.41 2.06
C LEU B 176 17.69 -15.30 2.48
N PHE B 177 16.55 -15.14 1.81
CA PHE B 177 15.47 -16.08 1.96
C PHE B 177 15.08 -16.61 0.58
N ASP B 178 15.20 -17.93 0.41
CA ASP B 178 14.91 -18.55 -0.89
C ASP B 178 13.42 -18.70 -1.12
N LEU B 179 12.98 -18.28 -2.30
CA LEU B 179 11.62 -18.55 -2.76
C LEU B 179 11.72 -19.55 -3.90
N ASP B 180 11.75 -20.84 -3.57
CA ASP B 180 11.86 -21.89 -4.60
C ASP B 180 10.49 -22.30 -5.13
N ASN B 181 10.45 -22.95 -6.29
CA ASN B 181 9.21 -23.52 -6.86
C ASN B 181 9.36 -24.99 -7.15
N GLU B 185 12.35 -22.31 -11.69
CA GLU B 185 12.92 -21.01 -11.36
C GLU B 185 13.08 -20.88 -9.84
N VAL B 186 14.00 -20.02 -9.41
CA VAL B 186 14.14 -19.66 -8.00
C VAL B 186 14.34 -18.15 -7.93
N TYR B 187 13.75 -17.50 -6.92
CA TYR B 187 14.03 -16.10 -6.60
C TYR B 187 14.36 -16.02 -5.11
N CYS B 188 14.94 -14.89 -4.69
CA CYS B 188 15.34 -14.69 -3.30
C CYS B 188 14.91 -13.34 -2.78
N ILE B 189 14.67 -13.28 -1.48
CA ILE B 189 14.58 -12.02 -0.79
C ILE B 189 15.92 -11.82 -0.08
N ASP B 190 16.60 -10.71 -0.37
CA ASP B 190 17.86 -10.38 0.28
C ASP B 190 17.64 -9.21 1.21
N ALA B 191 17.74 -9.47 2.50
CA ALA B 191 17.56 -8.42 3.50
C ALA B 191 18.86 -7.77 3.99
N ARG B 192 19.95 -7.99 3.28
CA ARG B 192 21.24 -7.45 3.72
C ARG B 192 21.27 -5.92 3.67
N TYR B 193 20.88 -5.36 2.52
CA TYR B 193 20.96 -3.90 2.35
C TYR B 193 19.64 -3.21 2.65
N TYR B 194 18.54 -3.88 2.32
CA TYR B 194 17.20 -3.38 2.58
C TYR B 194 16.43 -4.47 3.29
N GLY B 195 15.86 -4.17 4.46
CA GLY B 195 15.10 -5.18 5.18
C GLY B 195 14.22 -4.58 6.24
N ASN B 196 13.39 -5.42 6.86
CA ASN B 196 12.59 -4.99 8.02
C ASN B 196 13.07 -5.75 9.29
N ILE B 197 12.24 -5.77 10.34
CA ILE B 197 12.59 -6.38 11.61
C ILE B 197 12.99 -7.87 11.48
N SER B 198 12.43 -8.54 10.51
N SER B 198 12.43 -8.56 10.50
CA SER B 198 12.72 -9.97 10.34
CA SER B 198 12.73 -9.98 10.26
C SER B 198 14.21 -10.30 10.05
C SER B 198 14.20 -10.32 10.01
N ARG B 199 14.96 -9.34 9.53
CA ARG B 199 16.37 -9.56 9.19
C ARG B 199 17.19 -9.82 10.44
N PHE B 200 16.62 -9.46 11.61
CA PHE B 200 17.29 -9.66 12.88
C PHE B 200 16.86 -10.91 13.63
N ILE B 201 15.97 -11.70 13.04
CA ILE B 201 15.51 -12.93 13.70
C ILE B 201 16.56 -14.02 13.52
N ASN B 202 17.01 -14.58 14.64
CA ASN B 202 18.02 -15.63 14.65
C ASN B 202 17.50 -17.02 14.36
N HIS B 203 18.42 -17.91 14.01
CA HIS B 203 18.14 -19.35 13.91
C HIS B 203 18.02 -19.93 15.30
N LEU B 204 17.00 -20.79 15.45
CA LEU B 204 16.87 -21.63 16.64
C LEU B 204 16.64 -23.07 16.23
N CYS B 205 17.33 -23.99 16.91
CA CYS B 205 17.13 -25.41 16.67
C CYS B 205 15.82 -25.90 17.29
N ASP B 206 15.28 -25.19 18.27
CA ASP B 206 13.88 -25.39 18.68
C ASP B 206 13.10 -24.11 18.44
N PRO B 207 12.68 -23.90 17.18
CA PRO B 207 12.10 -22.63 16.74
C PRO B 207 10.71 -22.40 17.34
N ASN B 208 10.28 -21.14 17.40
CA ASN B 208 8.94 -20.85 17.88
C ASN B 208 8.11 -20.06 16.85
N ILE B 209 8.69 -19.84 15.68
CA ILE B 209 7.92 -19.30 14.53
C ILE B 209 8.18 -20.13 13.26
N ILE B 210 7.24 -20.07 12.31
CA ILE B 210 7.38 -20.74 11.01
C ILE B 210 7.06 -19.78 9.88
N PRO B 211 7.79 -19.91 8.75
CA PRO B 211 7.50 -19.11 7.57
C PRO B 211 6.36 -19.73 6.76
N VAL B 212 5.47 -18.88 6.24
CA VAL B 212 4.37 -19.33 5.39
C VAL B 212 4.34 -18.47 4.12
N ARG B 213 4.22 -19.10 2.97
CA ARG B 213 4.06 -18.36 1.69
C ARG B 213 2.64 -17.84 1.51
N VAL B 214 2.54 -16.55 1.18
CA VAL B 214 1.28 -15.86 1.18
C VAL B 214 1.15 -14.97 -0.05
N PHE B 215 -0.03 -14.98 -0.64
CA PHE B 215 -0.41 -14.07 -1.72
C PHE B 215 -1.50 -13.09 -1.26
N MET B 216 -1.29 -11.84 -1.63
CA MET B 216 -2.14 -10.75 -1.24
C MET B 216 -2.52 -9.92 -2.44
N LEU B 217 -1.77 -8.84 -2.71
CA LEU B 217 -2.23 -7.89 -3.72
C LEU B 217 -1.90 -8.30 -5.15
N HIS B 218 -1.14 -9.38 -5.30
CA HIS B 218 -0.80 -9.94 -6.59
C HIS B 218 -0.72 -11.43 -6.37
N GLN B 219 -0.79 -12.19 -7.46
CA GLN B 219 -0.64 -13.63 -7.37
C GLN B 219 0.41 -14.12 -8.35
N ASP B 220 1.51 -13.35 -8.45
CA ASP B 220 2.68 -13.78 -9.20
C ASP B 220 3.39 -14.89 -8.43
N LEU B 221 3.28 -16.13 -8.90
CA LEU B 221 3.77 -17.28 -8.13
C LEU B 221 5.29 -17.35 -7.94
N ARG B 222 6.02 -16.51 -8.68
CA ARG B 222 7.47 -16.36 -8.45
C ARG B 222 7.75 -15.72 -7.09
N PHE B 223 6.81 -14.90 -6.64
CA PHE B 223 7.03 -13.99 -5.53
C PHE B 223 6.03 -14.13 -4.40
N PRO B 224 5.97 -15.31 -3.77
CA PRO B 224 5.17 -15.37 -2.55
C PRO B 224 5.79 -14.44 -1.53
N ARG B 225 4.97 -13.94 -0.61
CA ARG B 225 5.47 -13.15 0.48
C ARG B 225 5.58 -14.06 1.70
N ILE B 226 6.64 -13.84 2.46
CA ILE B 226 6.97 -14.74 3.58
C ILE B 226 6.42 -14.20 4.91
N ALA B 227 5.41 -14.86 5.47
CA ALA B 227 4.81 -14.44 6.73
C ALA B 227 5.23 -15.42 7.85
N PHE B 228 5.76 -14.90 8.94
CA PHE B 228 6.06 -15.75 10.11
C PHE B 228 4.87 -15.77 11.07
N PHE B 229 4.48 -16.97 11.47
CA PHE B 229 3.45 -17.17 12.47
C PHE B 229 4.06 -17.95 13.63
N SER B 230 3.60 -17.70 14.87
CA SER B 230 4.07 -18.49 16.02
C SER B 230 3.59 -19.94 15.91
N SER B 231 4.49 -20.87 16.24
CA SER B 231 4.21 -22.31 16.15
C SER B 231 3.80 -22.88 17.51
N ARG B 232 3.93 -22.06 18.55
CA ARG B 232 3.47 -22.40 19.89
C ARG B 232 3.18 -21.10 20.61
N ASP B 233 2.59 -21.17 21.80
CA ASP B 233 2.42 -19.99 22.63
C ASP B 233 3.81 -19.45 22.95
N ILE B 234 3.97 -18.13 22.88
CA ILE B 234 5.26 -17.53 23.20
C ILE B 234 5.11 -16.62 24.42
N ARG B 235 6.05 -16.78 25.36
CA ARG B 235 6.04 -16.02 26.62
C ARG B 235 6.72 -14.68 26.42
N THR B 236 6.34 -13.69 27.23
CA THR B 236 6.96 -12.36 27.19
C THR B 236 8.48 -12.51 27.40
N GLY B 237 9.26 -11.70 26.68
CA GLY B 237 10.72 -11.78 26.74
C GLY B 237 11.37 -12.87 25.89
N GLU B 238 10.59 -13.84 25.42
CA GLU B 238 11.17 -14.95 24.66
C GLU B 238 11.71 -14.53 23.30
N GLU B 239 12.92 -15.00 22.97
CA GLU B 239 13.47 -14.76 21.63
C GLU B 239 12.73 -15.55 20.57
N LEU B 240 12.39 -14.85 19.49
CA LEU B 240 11.81 -15.47 18.31
C LEU B 240 12.89 -16.05 17.41
N GLY B 241 12.59 -17.19 16.82
CA GLY B 241 13.51 -17.83 15.91
C GLY B 241 12.87 -18.87 15.04
N PHE B 242 13.43 -19.04 13.85
CA PHE B 242 12.99 -20.06 12.93
C PHE B 242 14.16 -20.91 12.52
N ASP B 243 13.85 -22.02 11.87
CA ASP B 243 14.88 -22.92 11.39
C ASP B 243 15.36 -22.42 10.04
N TYR B 244 16.61 -21.94 10.01
CA TYR B 244 17.20 -21.39 8.80
C TYR B 244 17.33 -22.45 7.72
N GLY B 245 17.47 -23.71 8.16
CA GLY B 245 17.60 -24.81 7.21
C GLY B 245 19.04 -25.31 7.10
N ASP B 246 19.18 -26.55 6.62
CA ASP B 246 20.48 -27.23 6.57
C ASP B 246 21.44 -26.58 5.58
N ARG B 247 20.90 -26.02 4.49
CA ARG B 247 21.68 -25.31 3.48
C ARG B 247 22.45 -24.10 3.99
N PHE B 248 21.83 -23.31 4.87
CA PHE B 248 22.51 -22.18 5.54
C PHE B 248 23.69 -22.70 6.37
N TRP B 249 23.44 -23.73 7.18
CA TRP B 249 24.46 -24.26 8.07
C TRP B 249 25.57 -25.02 7.33
N ASP B 250 25.22 -25.74 6.25
CA ASP B 250 26.21 -26.38 5.36
C ASP B 250 27.21 -25.35 4.83
N ILE B 251 26.73 -24.14 4.59
CA ILE B 251 27.59 -23.07 4.10
C ILE B 251 28.35 -22.37 5.23
N LYS B 252 27.65 -22.07 6.33
CA LYS B 252 28.20 -21.18 7.34
C LYS B 252 29.00 -21.87 8.46
N SER B 253 28.78 -23.17 8.66
CA SER B 253 29.44 -23.92 9.76
C SER B 253 30.95 -23.73 9.85
N LYS B 254 31.60 -23.64 8.69
CA LYS B 254 33.05 -23.46 8.58
C LYS B 254 33.51 -22.15 9.21
N TYR B 255 32.60 -21.18 9.30
CA TYR B 255 32.90 -19.84 9.81
C TYR B 255 32.43 -19.61 11.25
N PHE B 256 31.34 -20.27 11.64
CA PHE B 256 30.79 -20.15 12.99
C PHE B 256 29.76 -21.24 13.23
N THR B 257 29.40 -21.46 14.50
CA THR B 257 28.45 -22.52 14.83
C THR B 257 27.28 -22.01 15.67
N CYS B 258 26.27 -22.86 15.83
CA CYS B 258 25.03 -22.47 16.45
C CYS B 258 25.18 -22.30 17.95
N GLN B 259 24.75 -21.14 18.42
CA GLN B 259 24.77 -20.78 19.82
C GLN B 259 23.36 -20.80 20.42
N CYS B 260 22.42 -21.50 19.80
CA CYS B 260 21.04 -21.50 20.31
C CYS B 260 20.96 -22.11 21.70
N GLY B 261 21.77 -23.14 21.94
CA GLY B 261 21.93 -23.70 23.28
C GLY B 261 20.84 -24.68 23.66
N SER B 262 20.06 -25.11 22.68
CA SER B 262 19.05 -26.13 22.88
C SER B 262 19.74 -27.46 23.13
N GLU B 263 19.09 -28.30 23.94
CA GLU B 263 19.56 -29.67 24.16
C GLU B 263 19.51 -30.47 22.86
N LYS B 264 18.65 -30.04 21.95
CA LYS B 264 18.48 -30.69 20.64
C LYS B 264 19.18 -29.94 19.50
N CYS B 265 20.11 -29.05 19.84
CA CYS B 265 20.93 -28.33 18.86
C CYS B 265 21.59 -29.28 17.88
N LYS B 266 21.35 -29.05 16.60
CA LYS B 266 21.91 -29.87 15.54
C LYS B 266 23.14 -29.22 14.90
N HIS B 267 23.46 -28.00 15.31
CA HIS B 267 24.45 -27.21 14.57
C HIS B 267 25.55 -26.56 15.41
N SER B 268 25.62 -26.90 16.70
CA SER B 268 26.70 -26.47 17.60
C SER B 268 28.04 -27.14 17.24
N ALA B 269 29.15 -26.55 17.68
CA ALA B 269 30.46 -27.16 17.45
C ALA B 269 30.49 -28.60 17.99
N GLU B 270 29.87 -28.82 19.14
CA GLU B 270 29.78 -30.17 19.72
C GLU B 270 28.97 -31.14 18.85
N ALA B 271 27.81 -30.71 18.37
CA ALA B 271 26.99 -31.57 17.51
C ALA B 271 27.71 -31.88 16.20
N ILE B 272 28.39 -30.88 15.64
CA ILE B 272 29.14 -31.07 14.41
C ILE B 272 30.29 -32.07 14.63
N ALA B 273 30.99 -31.92 15.75
CA ALA B 273 32.09 -32.82 16.09
C ALA B 273 31.64 -34.27 16.23
N LEU B 274 30.50 -34.48 16.91
CA LEU B 274 29.95 -35.82 17.14
C LEU B 274 29.58 -36.54 15.84
N GLU B 275 29.12 -35.78 14.85
CA GLU B 275 28.74 -36.33 13.55
C GLU B 275 29.94 -36.75 12.71
N GLN B 276 30.95 -35.89 12.65
CA GLN B 276 32.21 -36.20 11.97
C GLN B 276 32.94 -37.37 12.65
N SER B 277 32.77 -37.48 13.97
CA SER B 277 33.31 -38.59 14.76
C SER B 277 32.51 -39.89 14.54
N ARG B 278 31.18 -39.81 14.65
CA ARG B 278 30.31 -40.98 14.46
C ARG B 278 30.47 -41.58 13.06
N LEU B 279 30.67 -40.73 12.06
CA LEU B 279 30.94 -41.18 10.70
C LEU B 279 32.45 -41.41 10.46
N ALA B 280 33.11 -42.12 11.38
CA ALA B 280 34.56 -42.41 11.28
C ALA B 280 35.02 -43.61 12.11
ZN ZN C . 12.05 12.87 1.44
ZN ZN D . 10.14 13.36 4.78
ZN ZN E . 13.08 15.57 3.86
ZN ZN F . -21.52 24.79 -16.17
N SAH G . -22.75 12.10 -12.58
CA SAH G . -21.86 10.94 -12.95
CB SAH G . -20.50 11.03 -12.26
CG SAH G . -19.48 11.89 -13.03
SD SAH G . -18.89 11.03 -14.47
C SAH G . -22.52 9.67 -12.56
O SAH G . -21.89 8.61 -12.60
OXT SAH G . -23.71 9.66 -12.18
C5' SAH G . -19.10 12.30 -15.68
C4' SAH G . -20.50 12.21 -16.31
O4' SAH G . -21.47 12.73 -15.37
C3' SAH G . -20.67 13.07 -17.57
O3' SAH G . -20.41 12.38 -18.79
C2' SAH G . -22.12 13.47 -17.48
O2' SAH G . -22.92 12.37 -17.91
C1' SAH G . -22.35 13.68 -15.99
N9 SAH G . -21.94 15.07 -15.66
C8 SAH G . -20.82 15.44 -14.99
N7 SAH G . -20.75 16.79 -14.84
C5 SAH G . -21.84 17.30 -15.42
C6 SAH G . -22.39 18.67 -15.64
N6 SAH G . -21.75 19.78 -15.20
N1 SAH G . -23.57 18.75 -16.31
C2 SAH G . -24.24 17.68 -16.77
N3 SAH G . -23.81 16.42 -16.60
C4 SAH G . -22.63 16.18 -15.95
N1 DXQ H . -9.87 10.18 -25.54
C2 DXQ H . -8.81 10.54 -24.77
N3 DXQ H . -9.01 11.37 -23.70
C4 DXQ H . -10.25 11.81 -23.37
C5 DXQ H . -11.33 11.45 -24.17
C6 DXQ H . -11.11 10.61 -25.27
CAA DXQ H . -15.14 12.73 -23.24
CAB DXQ H . -14.23 13.06 -16.98
CAC DXQ H . -12.25 13.87 -16.03
CAD DXQ H . -5.03 11.24 -28.44
CAE DXQ H . -13.31 6.85 -30.24
CAF DXQ H . -10.45 12.67 -22.27
CAG DXQ H . -12.62 11.90 -23.87
CAH DXQ H . -11.61 15.13 -18.81
CAI DXQ H . -5.57 11.70 -24.78
CAJ DXQ H . -11.04 14.14 -19.86
CAK DXQ H . -12.05 7.88 -26.83
CAL DXQ H . -11.77 9.77 -28.41
CAM DXQ H . -12.97 14.72 -18.21
CAN DXQ H . -5.71 12.04 -26.28
CAO DXQ H . -6.41 10.52 -24.26
CAP DXQ H . -12.69 7.01 -27.93
CAQ DXQ H . -12.46 8.98 -29.54
CAR DXQ H . -6.97 10.30 -27.43
CAS DXQ H . -7.39 9.32 -26.33
NAV DXQ H . -12.19 10.28 -25.99
OAW DXQ H . -14.06 13.20 -22.45
OAX DXQ H . -12.02 13.94 -20.90
CAY DXQ H . -12.82 12.73 -22.77
CAZ DXQ H . -11.74 13.11 -21.96
CBE DXQ H . -12.43 9.34 -27.11
NBF DXQ H . -12.88 13.53 -17.31
NBG DXQ H . -5.63 10.85 -27.13
NBH DXQ H . -12.41 7.53 -29.30
NBI DXQ H . -7.57 10.12 -25.09
CL CL I . 8.62 1.03 -20.65
CL CL J . -24.88 -0.86 3.20
UNK UNX K . -9.07 13.61 -27.21
ZN ZN L . -11.50 -13.14 -1.48
ZN ZN M . -12.64 -11.65 1.84
ZN ZN N . -14.48 -14.56 0.40
ZN ZN O . 21.22 -24.69 17.71
N SAH P . 22.13 -11.79 14.72
CA SAH P . 22.01 -11.12 13.38
CB SAH P . 20.55 -11.16 12.91
CG SAH P . 20.23 -12.45 12.15
SD SAH P . 21.00 -12.48 10.55
C SAH P . 22.48 -9.69 13.45
O SAH P . 22.35 -8.94 12.47
OXT SAH P . 23.01 -9.21 14.48
C5' SAH P . 21.72 -14.08 10.50
C4' SAH P . 23.10 -14.05 11.19
O4' SAH P . 22.91 -13.99 12.61
C3' SAH P . 23.94 -15.30 10.97
O3' SAH P . 24.74 -15.22 9.79
C2' SAH P . 24.79 -15.35 12.23
O2' SAH P . 25.87 -14.41 12.17
C1' SAH P . 23.83 -14.86 13.29
N9 SAH P . 23.06 -16.02 13.84
C8 SAH P . 21.73 -16.24 13.65
N7 SAH P . 21.32 -17.37 14.29
C5 SAH P . 22.41 -17.85 14.93
C6 SAH P . 22.68 -19.02 15.79
N6 SAH P . 21.65 -19.86 16.07
N1 SAH P . 23.95 -19.20 16.25
C2 SAH P . 24.96 -18.35 15.95
N3 SAH P . 24.78 -17.24 15.17
C4 SAH P . 23.55 -16.96 14.64
N1 DXQ Q . 22.73 -18.70 -2.27
C2 DXQ Q . 21.39 -18.87 -2.39
N3 DXQ Q . 20.61 -19.03 -1.30
C4 DXQ Q . 21.14 -19.01 -0.05
C5 DXQ Q . 22.52 -18.85 0.09
C6 DXQ Q . 23.31 -18.68 -1.05
CAA DXQ Q . 24.28 -19.04 3.85
CAB DXQ Q . 18.99 -16.08 6.75
CAC DXQ Q . 16.84 -16.86 6.26
CAD DXQ Q . 21.94 -21.76 -6.58
CAE DXQ Q . 29.08 -17.18 -3.97
CAF DXQ Q . 20.33 -19.17 1.07
CAG DXQ Q . 23.10 -18.82 1.36
CAH DXQ Q . 18.14 -19.25 4.86
CAI DXQ Q . 19.18 -20.64 -4.47
CAJ DXQ Q . 18.75 -19.08 3.46
CAK DXQ Q . 25.65 -16.80 -2.36
CAL DXQ Q . 26.13 -19.23 -2.73
CAM DXQ Q . 18.76 -18.30 5.92
CAN DXQ Q . 20.50 -21.39 -4.71
CAO DXQ Q . 19.40 -19.30 -3.74
CAP DXQ Q . 27.06 -16.44 -2.85
CAQ DXQ Q . 27.56 -18.91 -3.22
CAR DXQ Q . 22.29 -19.79 -5.30
CAS DXQ Q . 21.65 -18.51 -4.77
NAV DXQ Q . 24.61 -18.53 -0.82
OAW DXQ Q . 22.84 -18.97 3.76
OAX DXQ Q . 20.17 -19.30 3.49
CAY DXQ Q . 22.29 -18.98 2.49
CAZ DXQ Q . 20.91 -19.15 2.35
CBE DXQ Q . 25.76 -18.17 -1.69
NBF DXQ Q . 18.24 -16.92 5.83
NBG DXQ Q . 21.26 -20.72 -5.79
NBH DXQ Q . 27.67 -17.51 -3.70
NBI DXQ Q . 20.81 -18.89 -3.61
CL CL R . 5.21 -4.51 -14.99
CL CL S . 14.87 7.41 19.14
UNK UNX T . 22.95 -22.41 -2.23
#